data_9GEC
#
_entry.id   9GEC
#
_entity_poly.entity_id   1
_entity_poly.type   'polypeptide(L)'
_entity_poly.pdbx_seq_one_letter_code
;EEEAVRLYIQWLKQGGPSSGRPPPS
;
_entity_poly.pdbx_strand_id   A
#
# COMPACT_ATOMS: atom_id res chain seq x y z
N GLU A 1 -2.46 -13.17 9.12
CA GLU A 1 -3.81 -12.55 9.00
C GLU A 1 -3.72 -11.25 8.20
N GLU A 2 -3.11 -10.22 8.79
CA GLU A 2 -2.99 -8.93 8.14
C GLU A 2 -1.78 -8.92 7.21
N GLU A 3 -0.92 -9.93 7.35
CA GLU A 3 0.28 -10.03 6.55
C GLU A 3 -0.10 -10.21 5.07
N ALA A 4 0.85 -9.92 4.19
CA ALA A 4 0.62 -9.89 2.74
C ALA A 4 -0.36 -8.77 2.37
N VAL A 5 -0.71 -7.98 3.38
CA VAL A 5 -1.57 -6.82 3.22
C VAL A 5 -0.99 -5.66 4.03
N ARG A 6 -0.42 -6.01 5.17
CA ARG A 6 0.21 -5.08 6.09
C ARG A 6 1.22 -4.15 5.41
N LEU A 7 2.00 -4.72 4.51
CA LEU A 7 3.00 -3.99 3.76
C LEU A 7 2.40 -2.93 2.90
N TYR A 8 1.25 -3.29 2.45
CA TYR A 8 0.51 -2.59 1.46
C TYR A 8 -0.35 -1.52 2.13
N ILE A 9 -0.68 -1.72 3.40
CA ILE A 9 -1.29 -0.68 4.22
C ILE A 9 -0.33 0.50 4.34
N GLN A 10 0.96 0.24 4.11
CA GLN A 10 1.98 1.27 4.17
C GLN A 10 1.92 2.06 2.89
N TRP A 11 1.43 1.37 1.87
CA TRP A 11 1.18 1.96 0.57
C TRP A 11 -0.07 2.83 0.62
N LEU A 12 -1.12 2.30 1.24
CA LEU A 12 -2.32 3.07 1.52
C LEU A 12 -1.99 4.32 2.33
N LYS A 13 -1.14 4.18 3.35
CA LYS A 13 -0.77 5.29 4.22
C LYS A 13 0.06 6.35 3.50
N GLN A 14 0.76 5.97 2.43
CA GLN A 14 1.61 6.92 1.71
C GLN A 14 0.84 7.58 0.58
N GLY A 15 -0.45 7.27 0.49
CA GLY A 15 -1.29 7.89 -0.52
C GLY A 15 -1.18 7.22 -1.87
N GLY A 16 -1.14 5.89 -1.86
CA GLY A 16 -1.06 5.13 -3.10
C GLY A 16 -2.16 5.49 -4.08
N PRO A 17 -3.37 4.94 -3.90
CA PRO A 17 -4.56 5.27 -4.66
C PRO A 17 -4.63 6.74 -5.10
N SER A 18 -4.44 7.65 -4.15
CA SER A 18 -4.57 9.08 -4.39
C SER A 18 -3.57 9.58 -5.43
N SER A 19 -2.37 9.00 -5.45
CA SER A 19 -1.33 9.46 -6.37
C SER A 19 -1.30 8.59 -7.64
N GLY A 20 -1.80 7.37 -7.52
CA GLY A 20 -1.72 6.44 -8.62
C GLY A 20 -0.47 5.60 -8.55
N ARG A 21 0.03 5.43 -7.34
CA ARG A 21 1.26 4.70 -7.10
C ARG A 21 1.02 3.20 -7.04
N PRO A 22 1.88 2.40 -7.68
CA PRO A 22 1.88 0.95 -7.58
C PRO A 22 1.92 0.47 -6.13
N PRO A 23 1.19 -0.63 -5.82
CA PRO A 23 1.24 -1.25 -4.48
C PRO A 23 2.67 -1.69 -4.13
N PRO A 24 2.94 -2.04 -2.84
CA PRO A 24 4.28 -2.24 -2.29
C PRO A 24 5.38 -2.52 -3.33
N SER A 25 6.18 -1.51 -3.58
CA SER A 25 7.27 -1.63 -4.54
C SER A 25 8.57 -1.96 -3.82
N GLU A 1 -2.93 -9.96 10.42
CA GLU A 1 -1.79 -9.22 9.82
C GLU A 1 -0.98 -10.13 8.92
N GLU A 2 -1.54 -10.49 7.78
CA GLU A 2 -0.85 -11.35 6.84
C GLU A 2 -0.02 -10.50 5.87
N GLU A 3 0.78 -11.16 5.04
CA GLU A 3 1.62 -10.46 4.08
C GLU A 3 0.77 -9.76 3.03
N ALA A 4 1.42 -8.94 2.21
CA ALA A 4 0.76 -8.14 1.17
C ALA A 4 -0.14 -7.05 1.74
N VAL A 5 -1.18 -7.45 2.46
CA VAL A 5 -2.17 -6.52 2.99
C VAL A 5 -1.56 -5.59 4.04
N ARG A 6 -0.87 -6.21 4.98
CA ARG A 6 -0.16 -5.53 6.06
C ARG A 6 0.56 -4.27 5.58
N LEU A 7 1.31 -4.42 4.51
CA LEU A 7 2.20 -3.37 4.02
C LEU A 7 1.48 -2.50 3.04
N TYR A 8 0.51 -3.12 2.42
CA TYR A 8 -0.42 -2.45 1.54
C TYR A 8 -1.17 -1.35 2.29
N ILE A 9 -1.59 -1.64 3.51
CA ILE A 9 -2.22 -0.64 4.38
C ILE A 9 -1.24 0.50 4.70
N GLN A 10 0.05 0.26 4.47
CA GLN A 10 1.05 1.28 4.66
C GLN A 10 1.22 2.01 3.34
N TRP A 11 0.98 1.29 2.27
CA TRP A 11 0.94 1.85 0.92
C TRP A 11 -0.20 2.85 0.82
N LEU A 12 -1.34 2.46 1.38
CA LEU A 12 -2.48 3.35 1.58
C LEU A 12 -2.08 4.62 2.35
N LYS A 13 -1.04 4.51 3.16
CA LYS A 13 -0.56 5.66 3.92
C LYS A 13 0.59 6.37 3.22
N GLN A 14 1.10 5.75 2.16
CA GLN A 14 2.17 6.34 1.35
C GLN A 14 1.56 7.22 0.26
N GLY A 15 0.25 7.19 0.15
CA GLY A 15 -0.43 7.96 -0.87
C GLY A 15 -0.50 7.21 -2.18
N GLY A 16 -0.69 5.90 -2.10
CA GLY A 16 -0.72 5.06 -3.29
C GLY A 16 -1.76 5.49 -4.30
N PRO A 17 -3.03 5.08 -4.12
CA PRO A 17 -4.16 5.41 -4.97
C PRO A 17 -4.11 6.81 -5.57
N SER A 18 -3.92 7.80 -4.72
CA SER A 18 -3.97 9.20 -5.13
C SER A 18 -2.86 9.54 -6.11
N SER A 19 -1.66 9.05 -5.85
CA SER A 19 -0.51 9.33 -6.70
C SER A 19 -0.46 8.39 -7.89
N GLY A 20 -1.07 7.22 -7.75
CA GLY A 20 -1.04 6.23 -8.80
C GLY A 20 0.08 5.25 -8.59
N ARG A 21 0.51 5.14 -7.34
CA ARG A 21 1.63 4.28 -6.99
C ARG A 21 1.17 2.84 -6.86
N PRO A 22 1.88 1.90 -7.51
CA PRO A 22 1.64 0.47 -7.40
C PRO A 22 1.58 -0.02 -5.94
N PRO A 23 0.62 -0.94 -5.63
CA PRO A 23 0.51 -1.56 -4.30
C PRO A 23 1.81 -2.26 -3.90
N PRO A 24 2.00 -2.56 -2.59
CA PRO A 24 3.27 -2.92 -1.98
C PRO A 24 4.42 -3.22 -2.96
N SER A 25 5.18 -2.19 -3.27
CA SER A 25 6.31 -2.30 -4.17
C SER A 25 7.59 -1.97 -3.42
N GLU A 1 -0.65 -9.66 13.04
CA GLU A 1 -0.87 -8.81 11.86
C GLU A 1 -1.42 -9.62 10.70
N GLU A 2 -2.05 -8.95 9.76
CA GLU A 2 -2.64 -9.60 8.61
C GLU A 2 -1.67 -9.53 7.43
N GLU A 3 -1.01 -10.64 7.15
CA GLU A 3 -0.02 -10.69 6.10
C GLU A 3 -0.67 -10.55 4.72
N ALA A 4 0.16 -10.38 3.68
CA ALA A 4 -0.29 -10.31 2.27
C ALA A 4 -1.00 -9.00 1.94
N VAL A 5 -1.47 -8.32 2.94
CA VAL A 5 -2.21 -7.08 2.77
C VAL A 5 -1.54 -5.98 3.55
N ARG A 6 -1.00 -6.40 4.66
CA ARG A 6 -0.21 -5.59 5.57
C ARG A 6 0.70 -4.58 4.85
N LEU A 7 1.43 -5.07 3.87
CA LEU A 7 2.41 -4.31 3.13
C LEU A 7 1.78 -3.20 2.36
N TYR A 8 0.67 -3.54 1.86
CA TYR A 8 -0.09 -2.77 0.95
C TYR A 8 -0.91 -1.74 1.70
N ILE A 9 -1.19 -2.01 2.98
CA ILE A 9 -1.73 -1.00 3.88
C ILE A 9 -0.75 0.16 4.01
N GLN A 10 0.53 -0.13 3.75
CA GLN A 10 1.57 0.87 3.88
C GLN A 10 1.63 1.66 2.59
N TRP A 11 1.13 1.01 1.54
CA TRP A 11 0.97 1.66 0.25
C TRP A 11 -0.22 2.61 0.31
N LEU A 12 -1.33 2.10 0.84
CA LEU A 12 -2.50 2.92 1.15
C LEU A 12 -2.15 4.01 2.16
N LYS A 13 -1.24 3.70 3.08
CA LYS A 13 -0.80 4.65 4.09
C LYS A 13 -0.07 5.83 3.45
N GLN A 14 0.56 5.57 2.30
CA GLN A 14 1.30 6.61 1.59
C GLN A 14 0.41 7.33 0.59
N GLY A 15 -0.84 6.89 0.49
CA GLY A 15 -1.77 7.48 -0.46
C GLY A 15 -1.49 7.02 -1.88
N GLY A 16 -1.31 5.71 -2.04
CA GLY A 16 -1.00 5.13 -3.34
C GLY A 16 -1.92 5.61 -4.45
N PRO A 17 -3.16 5.08 -4.52
CA PRO A 17 -4.20 5.49 -5.44
C PRO A 17 -4.17 6.98 -5.79
N SER A 18 -4.08 7.81 -4.76
CA SER A 18 -4.15 9.27 -4.91
C SER A 18 -3.12 9.79 -5.91
N SER A 19 -1.89 9.29 -5.82
CA SER A 19 -0.82 9.76 -6.71
C SER A 19 -0.65 8.82 -7.90
N GLY A 20 -1.16 7.61 -7.78
CA GLY A 20 -1.02 6.64 -8.84
C GLY A 20 0.20 5.78 -8.62
N ARG A 21 0.47 5.50 -7.35
CA ARG A 21 1.65 4.74 -6.97
C ARG A 21 1.42 3.24 -7.16
N PRO A 22 2.43 2.52 -7.67
CA PRO A 22 2.43 1.07 -7.76
C PRO A 22 2.17 0.40 -6.41
N PRO A 23 1.23 -0.57 -6.35
CA PRO A 23 0.99 -1.34 -5.11
C PRO A 23 2.26 -2.06 -4.68
N PRO A 24 2.45 -2.23 -3.36
CA PRO A 24 3.76 -2.36 -2.67
C PRO A 24 5.01 -2.51 -3.55
N SER A 25 5.93 -3.33 -3.08
CA SER A 25 7.18 -3.56 -3.78
C SER A 25 7.23 -5.00 -4.28
N GLU A 1 -1.25 -13.16 8.36
CA GLU A 1 -2.18 -12.06 8.02
C GLU A 1 -1.53 -10.70 8.25
N GLU A 2 -0.22 -10.69 8.53
CA GLU A 2 0.49 -9.44 8.75
C GLU A 2 1.42 -9.10 7.60
N GLU A 3 1.06 -9.54 6.41
CA GLU A 3 1.83 -9.24 5.21
C GLU A 3 0.89 -8.97 4.04
N ALA A 4 1.45 -8.59 2.89
CA ALA A 4 0.69 -8.34 1.67
C ALA A 4 -0.28 -7.18 1.83
N VAL A 5 -1.41 -7.43 2.45
CA VAL A 5 -2.41 -6.40 2.67
C VAL A 5 -1.92 -5.42 3.71
N ARG A 6 -1.48 -5.98 4.83
CA ARG A 6 -0.95 -5.25 5.96
C ARG A 6 0.03 -4.15 5.56
N LEU A 7 0.87 -4.42 4.57
CA LEU A 7 1.94 -3.50 4.25
C LEU A 7 1.49 -2.51 3.21
N TYR A 8 0.54 -2.96 2.44
CA TYR A 8 -0.07 -2.15 1.42
C TYR A 8 -1.06 -1.15 2.01
N ILE A 9 -1.40 -1.36 3.28
CA ILE A 9 -2.12 -0.36 4.05
C ILE A 9 -1.20 0.85 4.29
N GLN A 10 0.10 0.60 4.19
CA GLN A 10 1.08 1.64 4.39
C GLN A 10 1.29 2.34 3.06
N TRP A 11 1.21 1.54 2.02
CA TRP A 11 1.22 2.07 0.66
C TRP A 11 0.00 2.97 0.46
N LEU A 12 -1.13 2.49 0.94
CA LEU A 12 -2.37 3.25 0.96
C LEU A 12 -2.20 4.57 1.70
N LYS A 13 -1.73 4.50 2.94
CA LYS A 13 -1.58 5.69 3.77
C LYS A 13 -0.55 6.68 3.22
N GLN A 14 0.42 6.18 2.47
CA GLN A 14 1.42 7.04 1.84
C GLN A 14 0.86 7.68 0.57
N GLY A 15 -0.41 7.44 0.29
CA GLY A 15 -1.05 8.06 -0.83
C GLY A 15 -0.75 7.36 -2.14
N GLY A 16 -0.71 6.03 -2.09
CA GLY A 16 -0.49 5.24 -3.28
C GLY A 16 -1.45 5.60 -4.41
N PRO A 17 -2.73 5.18 -4.31
CA PRO A 17 -3.80 5.56 -5.21
C PRO A 17 -3.71 7.01 -5.69
N SER A 18 -3.55 7.92 -4.73
CA SER A 18 -3.56 9.35 -5.01
C SER A 18 -2.51 9.76 -6.04
N SER A 19 -1.30 9.21 -5.91
CA SER A 19 -0.22 9.56 -6.82
C SER A 19 -0.12 8.55 -7.96
N GLY A 20 -0.82 7.43 -7.82
CA GLY A 20 -0.80 6.40 -8.85
C GLY A 20 0.34 5.44 -8.64
N ARG A 21 0.66 5.22 -7.37
CA ARG A 21 1.79 4.40 -6.99
C ARG A 21 1.40 2.93 -6.96
N PRO A 22 2.25 2.04 -7.52
CA PRO A 22 2.09 0.59 -7.41
C PRO A 22 2.02 0.09 -5.96
N PRO A 23 1.03 -0.75 -5.62
CA PRO A 23 0.93 -1.38 -4.29
C PRO A 23 2.03 -2.42 -4.11
N PRO A 24 2.45 -2.75 -2.88
CA PRO A 24 3.61 -3.60 -2.65
C PRO A 24 3.29 -5.07 -2.84
N SER A 25 4.28 -5.82 -3.31
CA SER A 25 4.11 -7.25 -3.56
C SER A 25 5.41 -7.99 -3.30
N GLU A 1 -0.33 -13.68 9.06
CA GLU A 1 -1.81 -13.65 9.16
C GLU A 1 -2.36 -12.30 8.73
N GLU A 2 -1.52 -11.27 8.74
CA GLU A 2 -1.94 -9.92 8.41
C GLU A 2 -1.09 -9.34 7.28
N GLU A 3 -0.27 -10.19 6.66
CA GLU A 3 0.68 -9.72 5.67
C GLU A 3 0.01 -9.47 4.32
N ALA A 4 0.81 -9.02 3.35
CA ALA A 4 0.34 -8.58 2.02
C ALA A 4 -0.51 -7.31 2.11
N VAL A 5 -1.49 -7.33 2.98
CA VAL A 5 -2.39 -6.21 3.18
C VAL A 5 -1.74 -5.15 4.05
N ARG A 6 -1.08 -5.62 5.08
CA ARG A 6 -0.36 -4.77 6.01
C ARG A 6 0.58 -3.77 5.33
N LEU A 7 1.30 -4.26 4.34
CA LEU A 7 2.29 -3.45 3.60
C LEU A 7 1.52 -2.40 2.86
N TYR A 8 0.38 -2.84 2.43
CA TYR A 8 -0.48 -2.14 1.53
C TYR A 8 -1.18 -1.00 2.24
N ILE A 9 -1.58 -1.22 3.47
CA ILE A 9 -2.14 -0.17 4.32
C ILE A 9 -1.09 0.91 4.60
N GLN A 10 0.18 0.56 4.43
CA GLN A 10 1.26 1.51 4.61
C GLN A 10 1.45 2.22 3.29
N TRP A 11 1.06 1.54 2.23
CA TRP A 11 1.02 2.13 0.90
C TRP A 11 -0.11 3.15 0.83
N LEU A 12 -1.28 2.77 1.30
CA LEU A 12 -2.40 3.69 1.47
C LEU A 12 -1.98 4.94 2.24
N LYS A 13 -1.13 4.76 3.25
CA LYS A 13 -0.71 5.88 4.08
C LYS A 13 0.55 6.58 3.55
N GLN A 14 1.10 6.08 2.44
CA GLN A 14 2.26 6.71 1.84
C GLN A 14 1.84 7.57 0.65
N GLY A 15 0.53 7.68 0.47
CA GLY A 15 0.01 8.44 -0.65
C GLY A 15 -0.13 7.59 -1.88
N GLY A 16 -0.87 6.50 -1.76
CA GLY A 16 -1.04 5.59 -2.88
C GLY A 16 -2.09 6.07 -3.86
N PRO A 17 -3.36 5.60 -3.70
CA PRO A 17 -4.50 5.94 -4.52
C PRO A 17 -4.45 7.32 -5.17
N SER A 18 -3.87 7.39 -6.37
CA SER A 18 -3.75 8.64 -7.11
C SER A 18 -3.03 8.40 -8.44
N SER A 19 -2.81 7.12 -8.75
CA SER A 19 -1.99 6.72 -9.88
C SER A 19 -0.57 7.29 -9.72
N GLY A 20 -0.14 7.36 -8.47
CA GLY A 20 1.17 7.92 -8.16
C GLY A 20 2.09 6.89 -7.55
N ARG A 21 1.52 5.94 -6.84
CA ARG A 21 2.30 4.86 -6.24
C ARG A 21 1.59 3.52 -6.41
N PRO A 22 2.32 2.51 -6.85
CA PRO A 22 1.83 1.14 -6.95
C PRO A 22 1.73 0.47 -5.59
N PRO A 23 0.65 -0.29 -5.34
CA PRO A 23 0.49 -1.05 -4.09
C PRO A 23 1.61 -2.07 -3.93
N PRO A 24 1.89 -2.54 -2.68
CA PRO A 24 3.07 -3.33 -2.34
C PRO A 24 3.67 -4.16 -3.48
N SER A 25 4.60 -3.54 -4.20
CA SER A 25 5.21 -4.17 -5.35
C SER A 25 6.49 -4.91 -4.95
N GLU A 1 2.25 -9.08 12.56
CA GLU A 1 1.02 -9.87 12.32
C GLU A 1 0.37 -9.45 11.01
N GLU A 2 -0.29 -10.40 10.35
CA GLU A 2 -0.95 -10.18 9.06
C GLU A 2 0.07 -9.99 7.93
N GLU A 3 -0.35 -10.27 6.71
CA GLU A 3 0.50 -10.17 5.55
C GLU A 3 -0.38 -9.93 4.32
N ALA A 4 0.21 -9.93 3.13
CA ALA A 4 -0.53 -9.82 1.85
C ALA A 4 -1.15 -8.44 1.65
N VAL A 5 -2.07 -8.10 2.52
CA VAL A 5 -2.82 -6.87 2.43
C VAL A 5 -2.19 -5.81 3.30
N ARG A 6 -1.60 -6.30 4.37
CA ARG A 6 -0.97 -5.50 5.39
C ARG A 6 0.06 -4.53 4.80
N LEU A 7 0.78 -4.97 3.78
CA LEU A 7 1.84 -4.18 3.18
C LEU A 7 1.22 -3.07 2.41
N TYR A 8 0.16 -3.46 1.78
CA TYR A 8 -0.63 -2.63 0.93
C TYR A 8 -1.32 -1.54 1.73
N ILE A 9 -1.75 -1.85 2.94
CA ILE A 9 -2.30 -0.85 3.84
C ILE A 9 -1.25 0.22 4.16
N GLN A 10 0.02 -0.14 4.02
CA GLN A 10 1.11 0.78 4.30
C GLN A 10 1.31 1.64 3.09
N TRP A 11 0.97 1.05 1.95
CA TRP A 11 0.94 1.78 0.69
C TRP A 11 -0.15 2.84 0.74
N LEU A 12 -1.33 2.42 1.20
CA LEU A 12 -2.43 3.33 1.50
C LEU A 12 -2.01 4.43 2.49
N LYS A 13 -1.06 4.12 3.37
CA LYS A 13 -0.60 5.08 4.37
C LYS A 13 0.45 6.03 3.81
N GLN A 14 0.93 5.77 2.61
CA GLN A 14 1.95 6.61 2.00
C GLN A 14 1.36 7.45 0.88
N GLY A 15 0.03 7.58 0.89
CA GLY A 15 -0.66 8.33 -0.14
C GLY A 15 -0.63 7.63 -1.48
N GLY A 16 -1.42 6.58 -1.61
CA GLY A 16 -1.41 5.79 -2.82
C GLY A 16 -2.40 6.28 -3.87
N PRO A 17 -3.58 5.63 -3.95
CA PRO A 17 -4.63 5.87 -4.92
C PRO A 17 -4.62 7.24 -5.60
N SER A 18 -3.86 7.35 -6.68
CA SER A 18 -3.86 8.57 -7.50
C SER A 18 -3.00 8.36 -8.75
N SER A 19 -1.70 8.61 -8.63
CA SER A 19 -0.79 8.52 -9.76
C SER A 19 0.65 8.44 -9.28
N GLY A 20 1.36 7.41 -9.71
CA GLY A 20 2.76 7.29 -9.38
C GLY A 20 2.99 6.52 -8.12
N ARG A 21 1.97 5.77 -7.71
CA ARG A 21 2.00 5.02 -6.48
C ARG A 21 1.41 3.63 -6.66
N PRO A 22 2.26 2.75 -7.08
CA PRO A 22 1.99 1.34 -7.28
C PRO A 22 1.98 0.59 -5.94
N PRO A 23 1.02 -0.34 -5.76
CA PRO A 23 0.87 -1.07 -4.49
C PRO A 23 2.14 -1.84 -4.12
N PRO A 24 2.26 -2.33 -2.86
CA PRO A 24 3.51 -2.83 -2.27
C PRO A 24 4.60 -3.22 -3.26
N SER A 25 5.57 -2.34 -3.43
CA SER A 25 6.66 -2.56 -4.36
C SER A 25 7.93 -2.90 -3.60
N GLU A 1 1.54 -12.37 11.17
CA GLU A 1 0.12 -12.51 10.78
C GLU A 1 0.00 -12.51 9.26
N GLU A 2 -1.23 -12.40 8.76
CA GLU A 2 -1.46 -12.32 7.32
C GLU A 2 -0.84 -11.05 6.75
N GLU A 3 -0.11 -11.20 5.66
CA GLU A 3 0.52 -10.09 4.99
C GLU A 3 -0.42 -9.51 3.94
N ALA A 4 0.14 -9.12 2.79
CA ALA A 4 -0.63 -8.50 1.70
C ALA A 4 -1.17 -7.13 2.10
N VAL A 5 -2.16 -7.15 2.97
CA VAL A 5 -2.85 -5.94 3.39
C VAL A 5 -1.95 -5.11 4.29
N ARG A 6 -1.29 -5.80 5.19
CA ARG A 6 -0.40 -5.21 6.17
C ARG A 6 0.61 -4.26 5.54
N LEU A 7 1.13 -4.61 4.38
CA LEU A 7 2.12 -3.79 3.70
C LEU A 7 1.45 -2.72 2.89
N TYR A 8 0.39 -3.16 2.26
CA TYR A 8 -0.39 -2.37 1.35
C TYR A 8 -1.06 -1.19 2.06
N ILE A 9 -1.47 -1.37 3.30
CA ILE A 9 -2.00 -0.27 4.10
C ILE A 9 -0.93 0.81 4.32
N GLN A 10 0.33 0.42 4.18
CA GLN A 10 1.42 1.37 4.34
C GLN A 10 1.56 2.12 3.03
N TRP A 11 1.17 1.43 1.97
CA TRP A 11 1.10 2.00 0.65
C TRP A 11 -0.02 3.05 0.60
N LEU A 12 -1.17 2.68 1.16
CA LEU A 12 -2.28 3.61 1.36
C LEU A 12 -1.81 4.87 2.09
N LYS A 13 -0.93 4.69 3.08
CA LYS A 13 -0.42 5.82 3.85
C LYS A 13 0.65 6.60 3.08
N GLN A 14 1.01 6.11 1.91
CA GLN A 14 1.94 6.82 1.02
C GLN A 14 1.16 7.58 -0.04
N GLY A 15 -0.17 7.60 0.11
CA GLY A 15 -1.03 8.26 -0.84
C GLY A 15 -1.07 7.52 -2.15
N GLY A 16 -1.07 6.19 -2.06
CA GLY A 16 -1.04 5.34 -3.24
C GLY A 16 -2.10 5.68 -4.25
N PRO A 17 -3.37 5.28 -4.03
CA PRO A 17 -4.51 5.58 -4.87
C PRO A 17 -4.46 6.97 -5.52
N SER A 18 -4.21 7.98 -4.69
CA SER A 18 -4.21 9.36 -5.14
C SER A 18 -3.17 9.61 -6.23
N SER A 19 -1.99 9.04 -6.06
CA SER A 19 -0.89 9.27 -6.99
C SER A 19 -0.87 8.23 -8.11
N GLY A 20 -1.45 7.07 -7.84
CA GLY A 20 -1.45 6.00 -8.82
C GLY A 20 -0.24 5.12 -8.66
N ARG A 21 0.32 5.16 -7.47
CA ARG A 21 1.54 4.45 -7.16
C ARG A 21 1.26 2.95 -7.02
N PRO A 22 2.14 2.11 -7.57
CA PRO A 22 2.10 0.65 -7.40
C PRO A 22 1.91 0.20 -5.94
N PRO A 23 1.00 -0.76 -5.69
CA PRO A 23 0.83 -1.40 -4.37
C PRO A 23 2.13 -2.02 -3.89
N PRO A 24 2.23 -2.35 -2.58
CA PRO A 24 3.49 -2.66 -1.92
C PRO A 24 4.39 -3.58 -2.73
N SER A 25 5.48 -3.03 -3.24
CA SER A 25 6.39 -3.78 -4.08
C SER A 25 7.62 -4.20 -3.30
N GLU A 1 -0.89 -15.05 9.22
CA GLU A 1 -1.43 -14.21 8.12
C GLU A 1 -1.66 -12.78 8.61
N GLU A 2 -0.83 -11.87 8.12
CA GLU A 2 -0.92 -10.48 8.52
C GLU A 2 -0.38 -9.60 7.39
N GLU A 3 0.72 -10.06 6.80
CA GLU A 3 1.39 -9.34 5.72
C GLU A 3 0.52 -9.31 4.45
N ALA A 4 1.13 -8.95 3.31
CA ALA A 4 0.44 -8.80 2.03
C ALA A 4 -0.46 -7.56 2.01
N VAL A 5 -1.27 -7.41 3.03
CA VAL A 5 -2.20 -6.29 3.14
C VAL A 5 -1.61 -5.23 4.04
N ARG A 6 -1.09 -5.70 5.15
CA ARG A 6 -0.46 -4.88 6.18
C ARG A 6 0.57 -3.91 5.61
N LEU A 7 1.29 -4.36 4.60
CA LEU A 7 2.36 -3.56 4.04
C LEU A 7 1.82 -2.62 2.99
N TYR A 8 0.72 -3.05 2.46
CA TYR A 8 -0.06 -2.28 1.52
C TYR A 8 -0.73 -1.11 2.23
N ILE A 9 -1.14 -1.32 3.49
CA ILE A 9 -1.63 -0.24 4.33
C ILE A 9 -0.54 0.81 4.51
N GLN A 10 0.70 0.40 4.36
CA GLN A 10 1.83 1.31 4.54
C GLN A 10 2.01 2.07 3.25
N TRP A 11 1.59 1.43 2.18
CA TRP A 11 1.52 2.08 0.88
C TRP A 11 0.45 3.17 0.92
N LEU A 12 -0.72 2.81 1.44
CA LEU A 12 -1.79 3.77 1.72
C LEU A 12 -1.29 4.97 2.51
N LYS A 13 -0.54 4.72 3.57
CA LYS A 13 -0.06 5.79 4.44
C LYS A 13 1.19 6.47 3.87
N GLN A 14 1.54 6.13 2.64
CA GLN A 14 2.60 6.83 1.93
C GLN A 14 2.00 7.77 0.89
N GLY A 15 0.68 7.72 0.76
CA GLY A 15 0.01 8.50 -0.26
C GLY A 15 -0.01 7.78 -1.58
N GLY A 16 -0.38 6.51 -1.53
CA GLY A 16 -0.46 5.70 -2.75
C GLY A 16 -1.52 6.18 -3.71
N PRO A 17 -2.80 5.81 -3.46
CA PRO A 17 -3.97 6.20 -4.22
C PRO A 17 -3.84 7.47 -5.05
N SER A 18 -3.40 7.29 -6.29
CA SER A 18 -3.28 8.38 -7.26
C SER A 18 -2.91 7.84 -8.63
N SER A 19 -3.05 6.52 -8.78
CA SER A 19 -2.58 5.78 -9.95
C SER A 19 -1.14 6.20 -10.32
N GLY A 20 -0.34 6.45 -9.30
CA GLY A 20 1.02 6.90 -9.52
C GLY A 20 2.02 6.07 -8.74
N ARG A 21 1.60 5.57 -7.58
CA ARG A 21 2.45 4.71 -6.78
C ARG A 21 1.85 3.31 -6.71
N PRO A 22 2.54 2.31 -7.29
CA PRO A 22 2.13 0.91 -7.24
C PRO A 22 1.92 0.39 -5.80
N PRO A 23 0.77 -0.24 -5.53
CA PRO A 23 0.53 -0.91 -4.24
C PRO A 23 1.42 -2.14 -4.10
N PRO A 24 1.74 -2.58 -2.86
CA PRO A 24 2.65 -3.68 -2.64
C PRO A 24 1.94 -5.00 -2.37
N SER A 25 0.80 -5.18 -3.01
CA SER A 25 0.00 -6.37 -2.80
C SER A 25 0.23 -7.36 -3.94
N GLU A 1 -2.17 -8.96 13.47
CA GLU A 1 -2.49 -8.60 12.07
C GLU A 1 -1.87 -9.61 11.12
N GLU A 2 -2.47 -9.76 9.95
CA GLU A 2 -1.96 -10.70 8.95
C GLU A 2 -1.04 -9.99 7.97
N GLU A 3 -0.05 -10.73 7.46
CA GLU A 3 0.93 -10.16 6.56
C GLU A 3 0.41 -10.09 5.13
N ALA A 4 1.27 -9.64 4.22
CA ALA A 4 0.95 -9.44 2.80
C ALA A 4 -0.08 -8.32 2.61
N VAL A 5 -1.21 -8.40 3.29
CA VAL A 5 -2.17 -7.32 3.28
C VAL A 5 -1.54 -6.08 3.91
N ARG A 6 -0.70 -6.34 4.92
CA ARG A 6 0.00 -5.30 5.64
C ARG A 6 0.81 -4.41 4.72
N LEU A 7 1.39 -5.03 3.71
CA LEU A 7 2.31 -4.37 2.80
C LEU A 7 1.59 -3.22 2.17
N TYR A 8 0.42 -3.62 1.74
CA TYR A 8 -0.39 -2.87 0.85
C TYR A 8 -1.21 -1.85 1.62
N ILE A 9 -1.50 -2.14 2.88
CA ILE A 9 -2.10 -1.16 3.76
C ILE A 9 -1.11 -0.02 4.06
N GLN A 10 0.18 -0.29 3.83
CA GLN A 10 1.20 0.72 4.00
C GLN A 10 1.29 1.53 2.73
N TRP A 11 0.75 0.93 1.68
CA TRP A 11 0.60 1.59 0.40
C TRP A 11 -0.64 2.48 0.41
N LEU A 12 -1.73 1.96 0.97
CA LEU A 12 -2.93 2.73 1.27
C LEU A 12 -2.71 3.73 2.41
N LYS A 13 -1.51 3.75 2.97
CA LYS A 13 -1.20 4.64 4.08
C LYS A 13 -0.85 6.03 3.58
N GLN A 14 -1.70 6.54 2.70
CA GLN A 14 -1.56 7.88 2.12
C GLN A 14 -0.26 7.99 1.32
N GLY A 15 -0.18 7.24 0.24
CA GLY A 15 1.02 7.27 -0.59
C GLY A 15 0.80 6.61 -1.94
N GLY A 16 -0.03 5.58 -1.95
CA GLY A 16 -0.29 4.86 -3.18
C GLY A 16 -1.19 5.61 -4.13
N PRO A 17 -2.50 5.28 -4.17
CA PRO A 17 -3.51 5.95 -4.97
C PRO A 17 -3.28 7.46 -5.13
N SER A 18 -2.97 8.13 -4.02
CA SER A 18 -2.80 9.57 -3.99
C SER A 18 -1.70 10.03 -4.96
N SER A 19 -0.59 9.31 -4.97
CA SER A 19 0.55 9.68 -5.80
C SER A 19 0.47 8.99 -7.17
N GLY A 20 -0.18 7.84 -7.20
CA GLY A 20 -0.26 7.06 -8.42
C GLY A 20 0.77 5.95 -8.43
N ARG A 21 1.09 5.46 -7.24
CA ARG A 21 2.10 4.43 -7.08
C ARG A 21 1.48 3.05 -7.17
N PRO A 22 2.17 2.10 -7.83
CA PRO A 22 1.83 0.68 -7.81
C PRO A 22 1.76 0.12 -6.38
N PRO A 23 0.83 -0.83 -6.11
CA PRO A 23 0.75 -1.52 -4.82
C PRO A 23 2.09 -2.20 -4.50
N PRO A 24 2.42 -2.43 -3.21
CA PRO A 24 3.79 -2.67 -2.74
C PRO A 24 4.79 -3.15 -3.81
N SER A 25 5.69 -2.26 -4.19
CA SER A 25 6.69 -2.57 -5.19
C SER A 25 7.80 -3.41 -4.58
N GLU A 1 -4.63 -10.15 11.17
CA GLU A 1 -3.50 -9.20 11.23
C GLU A 1 -2.20 -9.89 10.83
N GLU A 2 -2.10 -10.25 9.57
CA GLU A 2 -0.91 -10.88 9.04
C GLU A 2 -0.40 -10.11 7.84
N GLU A 3 0.52 -10.68 7.08
CA GLU A 3 1.05 -10.04 5.90
C GLU A 3 0.00 -10.08 4.77
N ALA A 4 0.46 -10.09 3.51
CA ALA A 4 -0.43 -10.14 2.34
C ALA A 4 -1.21 -8.85 2.14
N VAL A 5 -1.61 -8.22 3.22
CA VAL A 5 -2.41 -7.01 3.16
C VAL A 5 -1.71 -5.89 3.92
N ARG A 6 -1.21 -6.25 5.09
CA ARG A 6 -0.50 -5.37 6.01
C ARG A 6 0.53 -4.50 5.30
N LEU A 7 1.24 -5.09 4.37
CA LEU A 7 2.32 -4.43 3.68
C LEU A 7 1.82 -3.28 2.85
N TYR A 8 0.75 -3.59 2.22
CA TYR A 8 0.11 -2.78 1.24
C TYR A 8 -0.70 -1.68 1.89
N ILE A 9 -1.12 -1.89 3.14
CA ILE A 9 -1.73 -0.84 3.94
C ILE A 9 -0.74 0.30 4.13
N GLN A 10 0.55 -0.02 4.04
CA GLN A 10 1.59 0.96 4.24
C GLN A 10 1.86 1.65 2.93
N TRP A 11 1.30 1.07 1.88
CA TRP A 11 1.22 1.74 0.60
C TRP A 11 0.05 2.73 0.65
N LEU A 12 -1.10 2.26 1.13
CA LEU A 12 -2.26 3.11 1.40
C LEU A 12 -1.89 4.30 2.28
N LYS A 13 -1.11 4.05 3.33
CA LYS A 13 -0.73 5.09 4.28
C LYS A 13 0.25 6.08 3.68
N GLN A 14 -0.30 7.15 3.11
CA GLN A 14 0.47 8.30 2.67
C GLN A 14 1.56 7.91 1.66
N GLY A 15 1.14 7.63 0.44
CA GLY A 15 2.09 7.28 -0.59
C GLY A 15 1.44 6.68 -1.81
N GLY A 16 0.45 5.84 -1.58
CA GLY A 16 -0.24 5.18 -2.67
C GLY A 16 -1.29 6.05 -3.34
N PRO A 17 -2.56 5.58 -3.42
CA PRO A 17 -3.67 6.16 -4.15
C PRO A 17 -3.45 7.58 -4.69
N SER A 18 -2.72 7.67 -5.79
CA SER A 18 -2.51 8.93 -6.49
C SER A 18 -2.59 8.69 -7.99
N SER A 19 -3.17 7.54 -8.35
CA SER A 19 -3.29 7.13 -9.74
C SER A 19 -1.92 7.04 -10.42
N GLY A 20 -0.94 6.52 -9.70
CA GLY A 20 0.40 6.42 -10.25
C GLY A 20 1.42 5.88 -9.27
N ARG A 21 0.98 5.09 -8.31
CA ARG A 21 1.90 4.47 -7.37
C ARG A 21 1.59 2.98 -7.24
N PRO A 22 2.43 2.12 -7.83
CA PRO A 22 2.32 0.68 -7.71
C PRO A 22 2.18 0.21 -6.26
N PRO A 23 1.26 -0.73 -5.98
CA PRO A 23 1.17 -1.38 -4.66
C PRO A 23 2.51 -2.03 -4.30
N PRO A 24 2.77 -2.33 -3.00
CA PRO A 24 4.09 -2.68 -2.48
C PRO A 24 5.08 -3.23 -3.51
N SER A 25 6.07 -2.42 -3.86
CA SER A 25 7.05 -2.81 -4.84
C SER A 25 8.42 -2.32 -4.42
#